data_1TZD
#
_entry.id   1TZD
#
_cell.length_a   71.679
_cell.length_b   98.535
_cell.length_c   188.745
_cell.angle_alpha   90.00
_cell.angle_beta   90.00
_cell.angle_gamma   90.00
#
_symmetry.space_group_name_H-M   'C 2 2 21'
#
loop_
_entity.id
_entity.type
_entity.pdbx_description
1 polymer 'Inositol-trisphosphate 3-kinase A'
2 non-polymer 'MAGNESIUM ION'
3 non-polymer "ADENOSINE-5'-DIPHOSPHATE"
4 water water
#
_entity_poly.entity_id   1
_entity_poly.type   'polypeptide(L)'
_entity_poly.pdbx_seq_one_letter_code
;SWVQLAGHTGSFKAAGTSGLILKRSSEPEHYC(MSE)VRL(MSE)ADVLRGCVPAFHGVVERDGESYLQLQDLLDGFDGP
CVLDCK(MSE)GVRTYLEEELTKARERPKLRKD(MSE)YKK(MSE)LAVDPEAPTEEEHAQRAVTKPRY(MSE)QWREGI
SSSTTLGFRIEGIKKADGSCSTDFKTTRSREQVTRVFEEF(MSE)QGDAEVLKRYLNRLQQIRDTLEISDFFRRHEVIGS
SLLFVHDHCHRAGVWLIDFGKTTPLPNGQILDHRRPWEEGNREDGYLLGLDNLIGILANLAER
;
_entity_poly.pdbx_strand_id   A,B
#
# COMPACT_ATOMS: atom_id res chain seq x y z
N GLY A 19 12.35 -22.86 0.36
CA GLY A 19 11.83 -21.48 0.61
C GLY A 19 12.97 -20.50 0.82
N LEU A 20 13.34 -19.79 -0.25
CA LEU A 20 14.43 -18.82 -0.19
C LEU A 20 14.08 -17.55 -0.98
N ILE A 21 15.03 -16.62 -1.04
CA ILE A 21 14.86 -15.35 -1.74
C ILE A 21 16.21 -14.79 -2.21
N LEU A 22 16.20 -14.17 -3.38
CA LEU A 22 17.46 -13.57 -3.92
C LEU A 22 17.36 -12.00 -4.00
N LYS A 23 18.27 -11.30 -3.22
CA LYS A 23 18.30 -9.79 -3.11
C LYS A 23 18.60 -9.13 -4.51
N ARG A 24 19.84 -8.81 -4.83
CA ARG A 24 20.42 -8.20 -6.05
C ARG A 24 21.62 -7.80 -5.33
N SER A 25 22.62 -8.62 -5.38
CA SER A 25 23.83 -8.43 -4.59
C SER A 25 24.56 -7.12 -4.85
N SER A 26 24.85 -6.44 -3.74
CA SER A 26 25.61 -5.19 -3.75
C SER A 26 26.83 -5.57 -2.91
N GLU A 27 27.78 -4.67 -2.71
CA GLU A 27 28.96 -5.08 -1.95
C GLU A 27 28.91 -4.88 -0.43
N PRO A 28 28.49 -3.71 0.05
CA PRO A 28 28.50 -3.50 1.46
C PRO A 28 27.58 -4.46 2.15
N GLU A 29 26.78 -5.14 1.32
CA GLU A 29 25.81 -6.09 1.87
C GLU A 29 26.30 -7.54 1.86
N HIS A 30 26.86 -7.93 0.75
CA HIS A 30 27.39 -9.25 0.61
C HIS A 30 28.37 -9.47 1.75
N TYR A 31 29.38 -8.65 1.54
CA TYR A 31 30.34 -8.59 2.64
C TYR A 31 29.53 -8.49 3.92
N CYS A 32 28.48 -7.28 4.42
CA CYS A 32 27.70 -7.25 5.69
C CYS A 32 27.23 -8.69 6.09
N VAL A 34 28.61 -11.85 4.62
CA VAL A 34 29.68 -12.83 4.85
C VAL A 34 30.21 -12.84 6.33
N ARG A 35 30.03 -11.70 7.08
CA ARG A 35 30.48 -11.49 8.50
C ARG A 35 29.43 -11.77 9.58
N LEU A 36 28.18 -11.41 9.28
CA LEU A 36 27.05 -11.66 10.20
C LEU A 36 26.89 -13.20 10.42
N ALA A 38 28.99 -15.05 10.82
CA ALA A 38 30.10 -15.43 11.73
C ALA A 38 30.07 -14.64 13.06
N ASP A 39 29.11 -13.72 13.12
CA ASP A 39 28.96 -12.90 14.33
C ASP A 39 27.90 -13.51 15.25
N VAL A 40 27.82 -12.99 16.47
CA VAL A 40 26.84 -13.48 17.44
C VAL A 40 25.43 -13.08 17.00
N LEU A 41 25.35 -12.24 15.98
CA LEU A 41 24.08 -11.77 15.46
C LEU A 41 23.44 -12.74 14.47
N ARG A 42 24.14 -13.83 14.15
CA ARG A 42 23.63 -14.78 13.17
C ARG A 42 22.16 -15.19 13.34
N GLY A 43 21.70 -15.38 14.57
CA GLY A 43 20.30 -15.75 14.76
C GLY A 43 19.30 -14.61 14.58
N CYS A 44 19.81 -13.38 14.56
CA CYS A 44 18.96 -12.20 14.43
C CYS A 44 18.77 -11.70 12.99
N VAL A 45 19.32 -12.42 12.01
CA VAL A 45 19.19 -12.02 10.61
C VAL A 45 18.86 -13.22 9.73
N PRO A 46 18.40 -12.99 8.49
CA PRO A 46 18.07 -14.12 7.62
C PRO A 46 19.30 -14.97 7.39
N ALA A 47 19.16 -16.30 7.42
CA ALA A 47 20.29 -17.17 7.17
C ALA A 47 20.79 -16.83 5.77
N PHE A 48 22.09 -16.67 5.62
CA PHE A 48 22.66 -16.36 4.32
C PHE A 48 23.18 -17.65 3.68
N HIS A 49 22.85 -17.86 2.41
CA HIS A 49 23.25 -19.06 1.71
C HIS A 49 24.10 -18.80 0.47
N GLY A 50 25.37 -18.33 0.64
CA GLY A 50 26.36 -18.05 -0.45
C GLY A 50 25.91 -17.10 -1.63
N VAL A 51 26.76 -17.06 -2.69
CA VAL A 51 26.57 -16.23 -3.90
C VAL A 51 25.99 -17.01 -5.12
N VAL A 52 25.49 -18.31 -4.93
CA VAL A 52 24.92 -19.20 -5.97
C VAL A 52 24.11 -18.38 -6.99
N LEU A 60 22.78 -12.86 -4.13
CA LEU A 60 22.57 -13.16 -2.72
C LEU A 60 21.40 -14.11 -2.50
N GLN A 61 21.66 -15.23 -1.83
CA GLN A 61 20.65 -16.23 -1.53
C GLN A 61 20.34 -16.20 -0.04
N LEU A 62 19.20 -15.58 0.31
CA LEU A 62 18.80 -15.45 1.70
C LEU A 62 17.62 -16.35 2.09
N GLN A 63 17.33 -16.37 3.38
CA GLN A 63 16.22 -17.15 3.92
C GLN A 63 14.94 -16.33 3.76
N ASP A 64 13.85 -16.99 3.41
CA ASP A 64 12.58 -16.30 3.26
C ASP A 64 11.89 -16.30 4.63
N LEU A 65 11.94 -15.15 5.30
CA LEU A 65 11.36 -15.01 6.64
C LEU A 65 9.85 -15.21 6.76
N LEU A 66 9.16 -15.44 5.64
CA LEU A 66 7.72 -15.60 5.67
C LEU A 66 7.29 -17.04 5.50
N ASP A 67 8.24 -17.86 5.04
CA ASP A 67 8.03 -19.27 4.80
C ASP A 67 7.30 -20.06 5.90
N GLY A 68 7.57 -19.76 7.16
CA GLY A 68 6.92 -20.50 8.24
C GLY A 68 5.56 -20.02 8.73
N PHE A 69 5.01 -18.98 8.14
CA PHE A 69 3.72 -18.45 8.59
C PHE A 69 2.54 -18.86 7.72
N ASP A 70 1.33 -18.72 8.24
CA ASP A 70 0.15 -19.08 7.44
C ASP A 70 -0.18 -17.84 6.59
N GLY A 71 -0.97 -16.92 7.14
CA GLY A 71 -1.27 -15.70 6.40
C GLY A 71 -0.35 -14.65 7.00
N PRO A 72 0.87 -14.50 6.49
CA PRO A 72 1.81 -13.51 7.02
C PRO A 72 1.34 -12.07 7.15
N CYS A 73 1.52 -11.53 8.36
CA CYS A 73 1.24 -10.13 8.64
C CYS A 73 2.67 -9.59 8.83
N VAL A 74 3.03 -8.54 8.09
CA VAL A 74 4.38 -7.99 8.17
C VAL A 74 4.47 -6.49 8.41
N LEU A 75 5.43 -6.09 9.24
CA LEU A 75 5.65 -4.66 9.51
C LEU A 75 7.15 -4.37 9.45
N ASP A 76 7.52 -3.56 8.47
CA ASP A 76 8.92 -3.18 8.28
C ASP A 76 9.22 -1.87 8.98
N CYS A 77 10.13 -1.92 9.93
CA CYS A 77 10.53 -0.76 10.74
C CYS A 77 11.94 -0.30 10.37
N LYS A 78 12.04 0.91 9.77
CA LYS A 78 13.35 1.45 9.37
C LYS A 78 14.11 1.89 10.63
N GLY A 80 16.97 3.73 13.07
CA GLY A 80 18.05 4.77 13.04
C GLY A 80 17.63 6.27 13.24
N VAL A 81 18.49 7.10 13.85
CA VAL A 81 18.23 8.53 14.05
C VAL A 81 18.43 9.22 12.70
N ARG A 82 19.45 8.79 11.93
CA ARG A 82 19.82 9.30 10.62
C ARG A 82 19.65 8.16 9.62
N THR A 83 19.13 8.48 8.44
CA THR A 83 18.88 7.44 7.45
C THR A 83 19.75 7.51 6.20
N TYR A 84 20.86 8.23 6.27
CA TYR A 84 21.77 8.34 5.13
C TYR A 84 23.20 8.26 5.66
N LEU A 85 24.09 7.69 4.85
CA LEU A 85 25.49 7.56 5.23
C LEU A 85 26.13 8.93 5.32
N GLU A 86 26.85 9.17 6.41
CA GLU A 86 27.52 10.45 6.62
C GLU A 86 28.38 10.71 5.37
N GLU A 87 28.85 9.62 4.78
CA GLU A 87 29.67 9.69 3.58
C GLU A 87 28.86 10.20 2.38
N GLU A 88 27.57 9.87 2.34
CA GLU A 88 26.71 10.31 1.25
C GLU A 88 26.47 11.81 1.38
N LEU A 89 26.68 12.33 2.58
CA LEU A 89 26.49 13.75 2.83
C LEU A 89 27.72 14.51 2.33
N THR A 90 28.90 13.94 2.56
CA THR A 90 30.14 14.57 2.11
C THR A 90 30.12 14.57 0.58
N LYS A 91 30.08 13.37 0.01
CA LYS A 91 30.04 13.19 -1.44
C LYS A 91 28.93 14.02 -2.08
N ALA A 92 27.99 14.49 -1.27
CA ALA A 92 26.88 15.29 -1.78
C ALA A 92 27.19 16.80 -1.71
N ARG A 93 28.19 17.17 -0.85
CA ARG A 93 28.70 18.54 -0.59
C ARG A 93 29.29 19.13 -1.89
N GLU A 94 29.85 18.24 -2.71
CA GLU A 94 30.36 18.62 -4.03
C GLU A 94 29.21 18.44 -5.07
N ARG A 95 29.13 17.28 -5.76
CA ARG A 95 28.10 16.95 -6.78
C ARG A 95 26.67 17.03 -6.24
N PRO A 96 25.75 17.62 -7.08
CA PRO A 96 24.28 17.63 -6.74
C PRO A 96 23.54 16.29 -7.14
N LYS A 97 22.64 15.73 -6.28
CA LYS A 97 21.83 14.53 -6.66
C LYS A 97 20.30 14.95 -6.94
N LEU A 98 20.00 16.17 -7.60
CA LEU A 98 18.63 16.74 -7.85
C LEU A 98 17.78 15.79 -8.62
N ARG A 99 17.03 15.05 -7.83
CA ARG A 99 16.11 14.15 -8.44
C ARG A 99 14.86 15.12 -8.47
N LYS A 100 14.07 15.35 -9.62
CA LYS A 100 12.71 16.05 -9.58
C LYS A 100 11.81 14.84 -9.87
N ASP A 101 11.29 14.55 -8.68
CA ASP A 101 10.39 13.54 -8.12
C ASP A 101 10.34 13.76 -6.57
N TYR A 103 11.44 16.36 -4.98
CA TYR A 103 10.97 17.73 -4.71
C TYR A 103 9.45 17.91 -5.00
N LYS A 104 8.87 16.86 -5.61
CA LYS A 104 7.41 16.77 -5.93
C LYS A 104 6.74 16.23 -4.70
N LYS A 105 7.66 15.51 -4.01
CA LYS A 105 7.56 14.88 -2.68
C LYS A 105 7.61 16.01 -1.53
N LEU A 107 6.91 18.98 -1.59
CA LEU A 107 5.90 20.04 -1.86
C LEU A 107 4.45 19.58 -1.66
N ALA A 108 4.05 18.52 -2.35
CA ALA A 108 2.68 18.01 -2.25
C ALA A 108 2.35 17.54 -0.83
N VAL A 109 3.29 17.73 0.09
CA VAL A 109 3.10 17.37 1.49
C VAL A 109 2.99 18.65 2.31
N ASP A 110 3.79 19.65 1.91
CA ASP A 110 3.82 20.94 2.59
C ASP A 110 4.73 21.92 1.83
N PRO A 111 4.37 23.16 1.87
CA PRO A 111 5.42 24.18 1.48
C PRO A 111 6.67 24.44 2.49
N GLU A 112 7.65 23.50 2.88
CA GLU A 112 8.85 23.77 3.76
C GLU A 112 10.09 24.13 2.84
N ALA A 113 10.01 23.67 1.52
CA ALA A 113 10.97 23.71 0.35
C ALA A 113 11.73 25.06 0.04
N PRO A 114 13.04 25.16 -0.26
CA PRO A 114 13.58 26.56 -0.52
C PRO A 114 13.17 27.20 -1.85
N THR A 115 13.32 28.53 -1.99
CA THR A 115 13.06 29.23 -3.26
C THR A 115 14.06 28.67 -4.27
N GLU A 116 15.19 28.18 -3.78
CA GLU A 116 16.20 27.61 -4.66
C GLU A 116 15.72 26.26 -5.19
N GLU A 117 15.14 25.45 -4.30
CA GLU A 117 14.62 24.14 -4.67
C GLU A 117 13.39 24.36 -5.55
N GLU A 118 12.54 25.28 -5.12
CA GLU A 118 11.32 25.61 -5.84
C GLU A 118 11.56 25.91 -7.31
N HIS A 119 12.65 26.61 -7.61
CA HIS A 119 12.94 26.98 -8.98
C HIS A 119 13.91 26.06 -9.72
N ALA A 120 14.61 25.20 -8.99
CA ALA A 120 15.56 24.28 -9.61
C ALA A 120 14.85 23.02 -10.10
N PRO A 127 19.60 13.56 0.59
CA PRO A 127 19.96 13.84 1.97
C PRO A 127 18.97 14.82 2.62
N ARG A 128 18.92 16.03 2.09
CA ARG A 128 18.01 17.04 2.64
C ARG A 128 16.62 16.45 2.69
N TYR A 129 16.25 15.74 1.63
CA TYR A 129 14.94 15.10 1.57
C TYR A 129 14.82 14.12 2.73
N GLN A 131 16.64 13.89 5.57
CA GLN A 131 16.65 14.54 6.87
C GLN A 131 15.36 15.29 7.16
N TRP A 132 14.56 15.66 6.06
CA TRP A 132 13.18 16.32 6.09
C TRP A 132 12.24 15.19 6.34
N ARG A 133 12.50 14.10 5.68
CA ARG A 133 11.68 12.97 5.94
C ARG A 133 11.80 12.55 7.43
N GLU A 134 12.99 12.55 8.05
CA GLU A 134 13.25 12.14 9.46
C GLU A 134 12.47 12.96 10.49
N GLY A 135 12.27 14.24 10.20
CA GLY A 135 11.56 15.12 11.10
C GLY A 135 10.04 14.97 11.07
N ILE A 136 9.49 14.80 9.87
CA ILE A 136 8.04 14.64 9.73
C ILE A 136 7.71 13.20 10.10
N SER A 137 8.73 12.40 10.17
CA SER A 137 8.60 11.03 10.44
C SER A 137 9.05 10.87 11.83
N SER A 138 9.17 9.62 12.16
CA SER A 138 9.59 9.42 13.50
C SER A 138 11.10 9.20 13.63
N SER A 139 11.88 9.10 12.56
CA SER A 139 13.28 8.81 12.79
C SER A 139 14.06 9.78 13.71
N THR A 140 13.75 11.07 13.78
CA THR A 140 14.54 12.00 14.57
C THR A 140 14.26 12.03 16.06
N THR A 141 12.99 11.95 16.47
CA THR A 141 12.65 12.01 17.89
C THR A 141 12.83 10.68 18.62
N LEU A 142 12.64 9.45 17.98
CA LEU A 142 12.91 8.03 18.51
C LEU A 142 13.63 7.24 17.38
N GLY A 143 14.94 7.17 17.35
CA GLY A 143 15.64 6.47 16.26
C GLY A 143 15.05 5.26 15.44
N PHE A 144 13.76 5.21 15.04
CA PHE A 144 13.29 4.13 14.16
C PHE A 144 12.07 4.73 13.45
N ARG A 145 11.43 4.10 12.42
CA ARG A 145 10.29 4.71 11.73
C ARG A 145 9.51 3.62 10.99
N ILE A 146 8.18 3.63 11.04
CA ILE A 146 7.42 2.57 10.37
C ILE A 146 7.36 2.87 8.87
N GLU A 147 7.93 1.97 8.09
CA GLU A 147 7.98 2.11 6.64
C GLU A 147 6.74 1.56 5.94
N GLY A 148 6.23 0.43 6.44
CA GLY A 148 5.07 -0.17 5.82
C GLY A 148 4.49 -1.38 6.53
N ILE A 149 3.41 -1.91 5.97
CA ILE A 149 2.71 -3.06 6.55
C ILE A 149 2.06 -3.92 5.47
N LYS A 150 1.92 -5.21 5.78
CA LYS A 150 1.25 -6.16 4.90
C LYS A 150 0.32 -6.93 5.83
N LYS A 151 -0.91 -7.17 5.41
CA LYS A 151 -1.89 -7.88 6.29
C LYS A 151 -2.20 -9.36 5.79
N ALA A 152 -3.02 -10.23 6.54
CA ALA A 152 -3.39 -11.61 6.19
C ALA A 152 -3.96 -11.58 4.81
N ASP A 153 -4.50 -10.38 4.58
CA ASP A 153 -5.09 -10.00 3.31
C ASP A 153 -5.82 -8.64 3.34
N GLY A 154 -5.13 -7.65 3.91
CA GLY A 154 -5.65 -6.29 3.94
C GLY A 154 -4.74 -5.60 2.96
N SER A 155 -4.08 -6.43 2.15
CA SER A 155 -3.13 -5.99 1.13
C SER A 155 -1.92 -5.33 1.78
N CYS A 156 -1.61 -4.10 1.39
CA CYS A 156 -0.45 -3.40 1.91
C CYS A 156 -0.64 -1.88 2.00
N SER A 157 0.22 -1.25 2.80
CA SER A 157 0.21 0.20 2.96
C SER A 157 1.60 0.72 3.31
N THR A 158 1.96 1.88 2.76
CA THR A 158 3.25 2.50 3.05
C THR A 158 2.95 3.94 3.44
N ASP A 159 1.68 4.19 3.76
CA ASP A 159 1.24 5.51 4.12
C ASP A 159 1.47 5.87 5.59
N PHE A 160 2.74 5.97 5.96
CA PHE A 160 3.07 6.32 7.35
C PHE A 160 4.09 7.44 7.45
N LYS A 161 4.21 8.24 6.39
CA LYS A 161 5.15 9.37 6.32
C LYS A 161 5.08 10.39 7.45
N THR A 162 3.91 10.57 8.05
CA THR A 162 3.80 11.54 9.14
C THR A 162 3.61 10.88 10.49
N THR A 163 3.71 9.56 10.53
CA THR A 163 3.57 8.84 11.78
C THR A 163 4.83 9.20 12.54
N ARG A 164 4.70 10.06 13.54
CA ARG A 164 5.82 10.55 14.31
C ARG A 164 5.73 10.40 15.83
N SER A 165 4.59 10.75 16.41
CA SER A 165 4.42 10.67 17.87
C SER A 165 4.38 9.23 18.36
N ARG A 166 4.62 9.06 19.66
CA ARG A 166 4.61 7.76 20.28
C ARG A 166 3.20 7.21 20.28
N GLU A 167 2.23 8.10 20.51
CA GLU A 167 0.84 7.68 20.54
C GLU A 167 0.42 7.18 19.17
N GLN A 168 0.98 7.78 18.12
CA GLN A 168 0.66 7.40 16.75
C GLN A 168 1.33 6.08 16.37
N VAL A 169 2.56 5.89 16.85
CA VAL A 169 3.32 4.67 16.59
C VAL A 169 2.58 3.49 17.22
N THR A 170 2.17 3.66 18.48
CA THR A 170 1.45 2.61 19.19
C THR A 170 0.18 2.27 18.43
N ARG A 171 -0.55 3.28 17.98
CA ARG A 171 -1.77 3.06 17.25
C ARG A 171 -1.55 2.15 16.04
N VAL A 172 -0.52 2.42 15.24
CA VAL A 172 -0.26 1.56 14.09
C VAL A 172 0.07 0.13 14.58
N PHE A 173 0.91 0.02 15.60
CA PHE A 173 1.23 -1.31 16.13
C PHE A 173 -0.02 -1.98 16.67
N GLU A 174 -0.73 -1.26 17.51
CA GLU A 174 -1.96 -1.73 18.15
C GLU A 174 -2.93 -2.33 17.12
N GLU A 175 -3.04 -1.69 15.97
CA GLU A 175 -3.93 -2.17 14.93
C GLU A 175 -3.32 -3.40 14.24
N PHE A 176 -2.05 -3.28 13.87
CA PHE A 176 -1.32 -4.37 13.23
C PHE A 176 -1.45 -5.69 13.98
N GLN A 178 -4.03 -6.48 16.30
CA GLN A 178 -5.44 -6.87 16.35
C GLN A 178 -5.81 -7.53 17.68
N GLY A 179 -5.20 -7.06 18.76
CA GLY A 179 -5.51 -7.59 20.08
C GLY A 179 -4.82 -8.88 20.51
N ASP A 180 -4.08 -9.50 19.60
CA ASP A 180 -3.39 -10.75 19.93
C ASP A 180 -2.25 -10.49 20.92
N ALA A 181 -2.52 -10.75 22.20
CA ALA A 181 -1.53 -10.57 23.27
C ALA A 181 -0.37 -11.57 23.22
N GLU A 182 -0.60 -12.77 22.69
CA GLU A 182 0.48 -13.75 22.61
C GLU A 182 1.53 -13.28 21.59
N VAL A 183 1.09 -12.67 20.51
CA VAL A 183 2.02 -12.16 19.51
C VAL A 183 2.87 -11.01 20.09
N LEU A 184 2.23 -10.11 20.84
CA LEU A 184 2.93 -8.99 21.46
C LEU A 184 3.96 -9.47 22.47
N LYS A 185 3.61 -10.51 23.24
CA LYS A 185 4.54 -11.05 24.21
C LYS A 185 5.77 -11.57 23.48
N ARG A 186 5.55 -12.32 22.42
CA ARG A 186 6.66 -12.90 21.67
C ARG A 186 7.54 -11.85 20.95
N TYR A 187 6.90 -10.81 20.42
CA TYR A 187 7.63 -9.72 19.76
C TYR A 187 8.53 -9.02 20.80
N LEU A 188 7.98 -8.78 21.99
CA LEU A 188 8.77 -8.13 23.04
C LEU A 188 9.95 -8.99 23.50
N ASN A 189 9.69 -10.27 23.80
CA ASN A 189 10.76 -11.17 24.22
C ASN A 189 11.88 -11.19 23.19
N ARG A 190 11.52 -11.14 21.92
CA ARG A 190 12.53 -11.18 20.87
C ARG A 190 13.31 -9.85 20.81
N LEU A 191 12.60 -8.74 20.98
CA LEU A 191 13.26 -7.43 20.94
C LEU A 191 14.27 -7.29 22.08
N GLN A 192 13.92 -7.81 23.25
CA GLN A 192 14.83 -7.76 24.40
C GLN A 192 16.06 -8.61 24.09
N GLN A 193 15.83 -9.79 23.51
CA GLN A 193 16.90 -10.73 23.15
C GLN A 193 17.78 -10.15 22.04
N ILE A 194 17.17 -9.47 21.08
CA ILE A 194 17.92 -8.85 19.99
C ILE A 194 18.78 -7.73 20.57
N ARG A 195 18.17 -6.92 21.42
CA ARG A 195 18.87 -5.81 22.05
C ARG A 195 20.13 -6.30 22.74
N ASP A 196 20.02 -7.40 23.50
CA ASP A 196 21.18 -7.95 24.21
C ASP A 196 22.27 -8.39 23.26
N THR A 197 21.89 -9.05 22.17
CA THR A 197 22.85 -9.54 21.20
C THR A 197 23.60 -8.37 20.53
N LEU A 198 22.85 -7.32 20.21
CA LEU A 198 23.42 -6.13 19.59
C LEU A 198 24.49 -5.51 20.48
N GLU A 199 24.24 -5.46 21.79
CA GLU A 199 25.16 -4.87 22.77
C GLU A 199 26.49 -5.62 23.01
N ILE A 200 26.62 -6.84 22.52
CA ILE A 200 27.87 -7.57 22.73
C ILE A 200 28.43 -7.96 21.36
N SER A 201 27.74 -7.56 20.30
CA SER A 201 28.18 -7.87 18.96
C SER A 201 29.36 -6.99 18.54
N ASP A 202 30.49 -7.61 18.22
CA ASP A 202 31.64 -6.84 17.80
C ASP A 202 31.39 -6.30 16.41
N PHE A 203 30.71 -7.08 15.56
CA PHE A 203 30.39 -6.63 14.21
C PHE A 203 29.63 -5.32 14.29
N PHE A 204 28.45 -5.41 14.88
CA PHE A 204 27.57 -4.26 15.07
C PHE A 204 28.38 -3.09 15.58
N ARG A 205 29.28 -3.41 16.51
CA ARG A 205 30.16 -2.48 17.21
C ARG A 205 31.10 -1.69 16.29
N ARG A 206 31.66 -2.36 15.29
CA ARG A 206 32.59 -1.74 14.36
C ARG A 206 31.90 -1.24 13.09
N HIS A 207 30.61 -0.85 13.19
CA HIS A 207 29.88 -0.41 11.97
C HIS A 207 28.85 0.73 12.07
N GLU A 208 28.78 1.52 10.93
CA GLU A 208 27.86 2.64 10.70
C GLU A 208 26.37 2.15 10.56
N VAL A 209 26.01 0.98 9.95
CA VAL A 209 24.59 0.45 9.89
C VAL A 209 23.45 1.49 9.75
N ILE A 210 23.16 1.89 8.53
CA ILE A 210 22.12 2.86 8.27
C ILE A 210 21.18 2.28 7.22
N GLY A 211 19.89 2.53 7.36
CA GLY A 211 18.95 2.01 6.39
C GLY A 211 18.50 0.56 6.53
N SER A 212 18.95 -0.15 7.57
CA SER A 212 18.50 -1.55 7.76
C SER A 212 17.15 -1.42 8.47
N SER A 213 16.44 -2.54 8.61
CA SER A 213 15.14 -2.52 9.28
C SER A 213 14.97 -3.69 10.25
N LEU A 214 13.96 -3.58 11.09
CA LEU A 214 13.57 -4.68 11.98
C LEU A 214 12.26 -5.08 11.30
N LEU A 215 12.23 -6.30 10.79
CA LEU A 215 11.07 -6.83 10.11
C LEU A 215 10.26 -7.72 11.08
N PHE A 216 9.06 -7.27 11.42
CA PHE A 216 8.18 -8.01 12.30
C PHE A 216 7.29 -8.93 11.48
N VAL A 217 7.09 -10.16 11.93
CA VAL A 217 6.23 -11.09 11.19
C VAL A 217 5.39 -11.94 12.16
N HIS A 218 4.10 -12.11 11.84
CA HIS A 218 3.23 -12.93 12.66
C HIS A 218 1.98 -13.37 11.89
N ASP A 219 1.32 -14.42 12.39
CA ASP A 219 0.10 -14.91 11.74
C ASP A 219 -1.02 -15.19 12.73
N HIS A 220 -2.19 -15.57 12.20
CA HIS A 220 -3.34 -15.85 13.05
C HIS A 220 -3.13 -17.07 13.94
N CYS A 221 -2.01 -17.76 13.77
CA CYS A 221 -1.70 -18.92 14.59
C CYS A 221 -0.87 -18.49 15.80
N HIS A 222 -0.71 -17.17 15.97
CA HIS A 222 0.04 -16.57 17.08
C HIS A 222 1.55 -16.68 16.90
N ARG A 223 1.96 -17.27 15.79
CA ARG A 223 3.38 -17.41 15.48
C ARG A 223 3.90 -15.98 15.33
N ALA A 224 5.16 -15.74 15.71
CA ALA A 224 5.75 -14.41 15.60
C ALA A 224 7.28 -14.47 15.58
N GLY A 225 7.89 -13.56 14.82
CA GLY A 225 9.35 -13.49 14.74
C GLY A 225 9.80 -12.07 14.38
N VAL A 226 11.04 -11.71 14.71
CA VAL A 226 11.58 -10.39 14.37
C VAL A 226 13.05 -10.56 13.97
N TRP A 227 13.42 -9.92 12.85
CA TRP A 227 14.79 -9.98 12.32
C TRP A 227 15.29 -8.63 11.77
N LEU A 228 16.62 -8.49 11.68
CA LEU A 228 17.26 -7.31 11.08
C LEU A 228 17.49 -7.66 9.61
N ILE A 229 17.23 -6.71 8.72
CA ILE A 229 17.43 -6.94 7.30
C ILE A 229 17.89 -5.62 6.70
N ASP A 230 18.36 -5.67 5.45
CA ASP A 230 18.83 -4.49 4.72
C ASP A 230 20.22 -4.09 5.14
N PHE A 231 21.25 -4.64 4.49
CA PHE A 231 22.59 -4.25 4.85
C PHE A 231 23.30 -3.58 3.66
N GLY A 232 22.50 -2.84 2.83
CA GLY A 232 22.88 -2.03 1.66
C GLY A 232 23.77 -0.84 2.13
N LYS A 233 23.30 -0.12 3.13
CA LYS A 233 24.22 0.82 3.78
C LYS A 233 25.02 -0.09 4.82
N THR A 234 25.45 0.35 6.05
CA THR A 234 26.23 -0.50 7.03
C THR A 234 27.70 -0.63 6.61
N THR A 235 28.55 0.22 7.17
CA THR A 235 29.95 0.22 6.80
C THR A 235 30.87 0.20 8.02
N PRO A 236 32.13 -0.21 7.84
CA PRO A 236 33.13 -0.29 8.91
C PRO A 236 33.70 1.07 9.30
N LEU A 237 34.06 1.22 10.57
CA LEU A 237 34.62 2.47 11.08
C LEU A 237 36.14 2.51 10.92
N PRO A 238 36.79 3.57 11.36
CA PRO A 238 38.30 3.62 11.31
C PRO A 238 39.14 2.40 11.93
N ASN A 239 40.52 2.44 11.92
CA ASN A 239 41.30 1.24 12.40
C ASN A 239 40.94 0.90 13.88
N GLY A 240 39.98 -0.05 14.20
CA GLY A 240 39.89 -0.17 15.64
C GLY A 240 38.92 0.78 16.33
N GLN A 241 38.25 1.63 15.55
CA GLN A 241 37.31 2.58 16.13
C GLN A 241 35.93 1.92 16.29
N ILE A 242 35.21 2.33 17.33
CA ILE A 242 33.91 1.75 17.62
C ILE A 242 32.80 2.77 17.80
N LEU A 243 31.57 2.34 17.52
CA LEU A 243 30.39 3.19 17.69
C LEU A 243 29.60 2.80 18.93
N ASP A 244 28.92 3.78 19.50
CA ASP A 244 28.12 3.59 20.71
C ASP A 244 26.65 3.31 20.38
N HIS A 245 26.24 3.70 19.18
CA HIS A 245 24.86 3.50 18.71
C HIS A 245 23.76 4.13 19.55
N ARG A 246 24.10 4.95 20.53
CA ARG A 246 23.06 5.60 21.33
C ARG A 246 23.28 7.10 21.50
N ARG A 247 24.50 7.58 21.29
CA ARG A 247 24.70 9.02 21.44
C ARG A 247 24.40 9.77 20.15
N PRO A 248 23.98 11.04 20.28
CA PRO A 248 23.65 11.87 19.11
C PRO A 248 24.73 11.88 18.04
N TRP A 249 24.29 12.09 16.80
CA TRP A 249 25.18 12.16 15.66
C TRP A 249 25.73 13.61 15.50
N GLU A 250 27.05 13.81 15.17
CA GLU A 250 27.67 15.15 14.89
C GLU A 250 28.74 14.96 13.66
N GLU A 251 28.86 15.79 12.56
CA GLU A 251 29.81 15.61 11.39
C GLU A 251 31.21 14.93 11.75
N GLY A 252 31.33 13.56 11.82
CA GLY A 252 32.53 12.78 12.19
C GLY A 252 32.23 11.60 13.15
N ASN A 253 31.09 11.70 13.79
CA ASN A 253 30.59 10.71 14.76
C ASN A 253 30.33 9.40 14.06
N ARG A 254 29.67 9.49 12.92
CA ARG A 254 29.27 8.32 12.14
C ARG A 254 28.29 7.53 13.04
N GLU A 255 27.91 8.16 14.15
CA GLU A 255 26.98 7.56 15.10
C GLU A 255 25.62 7.53 14.41
N ASP A 256 24.76 6.48 14.71
CA ASP A 256 23.47 6.32 14.04
C ASP A 256 22.26 6.25 14.94
N GLY A 257 22.57 6.21 16.17
CA GLY A 257 21.48 6.15 17.13
C GLY A 257 20.59 4.92 17.04
N TYR A 258 21.08 3.85 16.41
CA TYR A 258 20.29 2.63 16.25
C TYR A 258 19.73 2.08 17.56
N LEU A 259 20.56 1.99 18.60
CA LEU A 259 20.04 1.43 19.83
C LEU A 259 19.10 2.38 20.53
N LEU A 260 19.22 3.67 20.22
CA LEU A 260 18.30 4.62 20.83
C LEU A 260 16.93 4.31 20.23
N GLY A 261 16.93 3.94 18.96
CA GLY A 261 15.68 3.61 18.28
C GLY A 261 15.06 2.35 18.88
N LEU A 262 15.90 1.35 19.14
CA LEU A 262 15.43 0.09 19.72
C LEU A 262 14.94 0.28 21.16
N ASP A 263 15.62 1.13 21.93
CA ASP A 263 15.23 1.41 23.30
C ASP A 263 13.78 1.92 23.30
N ASN A 264 13.46 2.81 22.36
CA ASN A 264 12.12 3.39 22.26
C ASN A 264 11.07 2.42 21.71
N LEU A 265 11.42 1.72 20.63
CA LEU A 265 10.49 0.77 20.03
C LEU A 265 10.04 -0.23 21.07
N ILE A 266 10.96 -0.66 21.92
CA ILE A 266 10.63 -1.61 22.97
C ILE A 266 9.77 -0.91 24.01
N GLY A 267 10.09 0.36 24.28
CA GLY A 267 9.34 1.10 25.27
C GLY A 267 7.89 1.21 24.88
N ILE A 268 7.67 1.45 23.58
CA ILE A 268 6.34 1.61 23.02
C ILE A 268 5.51 0.31 23.04
N LEU A 269 6.18 -0.83 22.87
CA LEU A 269 5.47 -2.11 22.89
C LEU A 269 5.19 -2.60 24.31
N ALA A 270 6.05 -2.24 25.25
CA ALA A 270 5.89 -2.64 26.65
C ALA A 270 4.73 -1.94 27.32
N ASN A 271 4.38 -0.75 26.81
CA ASN A 271 3.27 0.01 27.35
C ASN A 271 1.98 -0.43 26.66
N LEU A 272 2.11 -0.88 25.42
CA LEU A 272 0.95 -1.35 24.68
C LEU A 272 0.47 -2.60 25.39
N ALA A 273 1.41 -3.29 26.04
CA ALA A 273 1.11 -4.52 26.76
C ALA A 273 0.20 -4.29 27.97
N GLU A 274 -0.52 -3.18 27.97
CA GLU A 274 -1.43 -2.87 29.08
C GLU A 274 -2.63 -2.08 28.58
N GLY B 19 3.23 9.77 -23.07
CA GLY B 19 2.01 9.54 -22.22
C GLY B 19 0.99 8.66 -22.90
N LEU B 20 1.29 7.36 -22.96
CA LEU B 20 0.40 6.38 -23.58
C LEU B 20 0.62 4.98 -23.00
N ILE B 21 0.17 4.76 -21.77
CA ILE B 21 0.34 3.45 -21.13
C ILE B 21 -0.17 2.34 -22.05
N LEU B 22 0.27 1.11 -21.78
CA LEU B 22 -0.13 -0.03 -22.57
C LEU B 22 -0.83 -1.10 -21.74
N LYS B 23 -1.95 -1.59 -22.27
CA LYS B 23 -2.72 -2.64 -21.62
C LYS B 23 -2.84 -3.72 -22.70
N ARG B 24 -2.67 -4.89 -22.18
CA ARG B 24 -2.59 -6.04 -23.01
C ARG B 24 -3.94 -6.64 -23.01
N SER B 25 -4.39 -7.13 -24.15
CA SER B 25 -5.73 -7.61 -23.98
C SER B 25 -6.15 -8.70 -24.89
N SER B 26 -7.35 -9.18 -24.62
CA SER B 26 -7.87 -10.30 -25.33
C SER B 26 -8.97 -9.99 -26.33
N GLU B 27 -10.15 -9.52 -25.89
CA GLU B 27 -11.20 -9.30 -26.89
C GLU B 27 -12.36 -8.54 -26.27
N PRO B 28 -12.81 -8.96 -25.07
CA PRO B 28 -13.93 -8.26 -24.45
C PRO B 28 -13.59 -6.78 -24.28
N GLU B 29 -12.51 -6.51 -23.54
CA GLU B 29 -12.08 -5.16 -23.28
C GLU B 29 -11.76 -4.39 -24.55
N HIS B 30 -11.32 -5.11 -25.59
CA HIS B 30 -10.97 -4.49 -26.86
C HIS B 30 -12.25 -4.10 -27.60
N TYR B 31 -13.15 -5.06 -27.74
CA TYR B 31 -14.43 -4.83 -28.41
C TYR B 31 -15.17 -3.66 -27.75
N CYS B 32 -15.02 -3.55 -26.43
CA CYS B 32 -15.64 -2.46 -25.67
C CYS B 32 -14.97 -1.12 -26.02
N VAL B 34 -13.56 -0.23 -28.72
CA VAL B 34 -13.93 0.17 -30.08
C VAL B 34 -15.31 0.82 -30.02
N ARG B 35 -16.26 0.13 -29.42
CA ARG B 35 -17.62 0.65 -29.26
C ARG B 35 -17.69 1.97 -28.48
N LEU B 36 -16.90 2.08 -27.41
CA LEU B 36 -16.87 3.28 -26.58
C LEU B 36 -16.42 4.54 -27.33
N ALA B 38 -17.07 5.17 -30.30
CA ALA B 38 -18.21 5.53 -31.13
C ALA B 38 -19.50 5.76 -30.32
N ASP B 39 -19.37 5.85 -29.00
CA ASP B 39 -20.49 6.06 -28.09
C ASP B 39 -20.31 7.39 -27.35
N VAL B 40 -21.40 7.92 -26.78
CA VAL B 40 -21.35 9.17 -26.01
C VAL B 40 -20.38 9.12 -24.83
N LEU B 41 -20.15 7.92 -24.31
CA LEU B 41 -19.22 7.74 -23.18
C LEU B 41 -17.76 7.98 -23.56
N ARG B 42 -17.47 8.02 -24.86
CA ARG B 42 -16.10 8.22 -25.35
C ARG B 42 -15.24 9.16 -24.51
N GLY B 43 -15.79 10.30 -24.12
CA GLY B 43 -15.02 11.25 -23.32
C GLY B 43 -14.94 10.94 -21.84
N CYS B 44 -15.57 9.83 -21.41
CA CYS B 44 -15.55 9.48 -20.01
C CYS B 44 -14.58 8.33 -19.75
N VAL B 45 -13.90 7.87 -20.79
CA VAL B 45 -12.95 6.75 -20.69
C VAL B 45 -11.65 7.06 -21.45
N PRO B 46 -10.54 6.41 -21.07
CA PRO B 46 -9.24 6.62 -21.72
C PRO B 46 -9.34 6.58 -23.24
N ALA B 47 -8.71 7.54 -23.90
CA ALA B 47 -8.73 7.54 -25.36
C ALA B 47 -8.06 6.24 -25.79
N PHE B 48 -8.68 5.58 -26.77
CA PHE B 48 -8.16 4.31 -27.27
C PHE B 48 -7.39 4.48 -28.59
N HIS B 49 -6.05 4.30 -28.55
CA HIS B 49 -5.32 4.44 -29.80
C HIS B 49 -4.79 3.14 -30.47
N GLY B 50 -5.64 2.14 -30.67
CA GLY B 50 -5.28 1.03 -31.49
C GLY B 50 -4.96 -0.30 -30.97
N VAL B 51 -4.03 -0.80 -31.71
CA VAL B 51 -3.53 -2.14 -31.57
C VAL B 51 -2.39 -2.43 -30.46
N VAL B 52 -1.02 -2.26 -30.64
CA VAL B 52 -0.07 -2.60 -29.50
C VAL B 52 -0.49 -1.83 -28.25
N LEU B 60 -3.05 -2.39 -27.80
CA LEU B 60 -3.92 -1.74 -26.79
C LEU B 60 -3.32 -0.56 -26.07
N GLN B 61 -3.15 0.43 -26.93
CA GLN B 61 -2.61 1.76 -26.64
C GLN B 61 -3.72 2.62 -26.10
N LEU B 62 -3.49 3.02 -24.88
CA LEU B 62 -4.42 3.86 -24.16
C LEU B 62 -3.78 5.15 -23.67
N GLN B 63 -4.55 6.22 -23.67
CA GLN B 63 -4.06 7.49 -23.18
C GLN B 63 -3.59 7.24 -21.75
N ASP B 64 -2.60 7.99 -21.29
CA ASP B 64 -2.11 7.83 -19.92
C ASP B 64 -2.82 8.88 -19.09
N LEU B 65 -3.81 8.45 -18.31
CA LEU B 65 -4.62 9.37 -17.53
C LEU B 65 -3.86 10.21 -16.52
N LEU B 66 -2.61 9.84 -16.23
CA LEU B 66 -1.83 10.59 -15.27
C LEU B 66 -1.01 11.69 -15.93
N ASP B 67 -0.88 11.58 -17.25
CA ASP B 67 -0.14 12.56 -18.05
C ASP B 67 -0.83 13.93 -17.99
N GLY B 68 -0.33 14.85 -17.20
CA GLY B 68 -0.97 16.16 -17.26
C GLY B 68 -1.17 16.58 -15.84
N PHE B 69 -0.62 15.76 -14.95
CA PHE B 69 -0.71 15.98 -13.48
C PHE B 69 0.69 16.18 -12.78
N ASP B 70 0.95 17.13 -11.86
CA ASP B 70 2.34 17.32 -11.32
C ASP B 70 2.68 16.45 -10.16
N GLY B 71 1.81 16.42 -9.20
CA GLY B 71 1.98 15.53 -8.08
C GLY B 71 0.72 14.64 -7.98
N PRO B 72 0.61 13.64 -8.88
CA PRO B 72 -0.54 12.73 -8.99
C PRO B 72 -0.97 11.88 -7.80
N CYS B 73 -2.14 12.22 -7.27
CA CYS B 73 -2.76 11.46 -6.19
C CYS B 73 -3.81 10.66 -6.94
N VAL B 74 -4.09 9.45 -6.50
CA VAL B 74 -5.06 8.64 -7.21
C VAL B 74 -5.86 7.76 -6.27
N LEU B 75 -7.07 7.41 -6.71
CA LEU B 75 -7.93 6.54 -5.93
C LEU B 75 -8.78 5.74 -6.91
N ASP B 76 -8.66 4.42 -6.82
CA ASP B 76 -9.38 3.49 -7.68
C ASP B 76 -10.62 2.98 -6.95
N CYS B 77 -11.78 3.20 -7.57
CA CYS B 77 -13.03 2.79 -6.94
C CYS B 77 -13.85 1.78 -7.78
N LYS B 78 -13.94 0.56 -7.26
CA LYS B 78 -14.67 -0.55 -7.90
C LYS B 78 -16.17 -0.32 -7.90
N GLY B 80 -20.22 -1.26 -8.62
CA GLY B 80 -21.16 -2.36 -8.69
C GLY B 80 -21.47 -3.03 -7.36
N VAL B 81 -22.63 -3.65 -7.29
CA VAL B 81 -23.07 -4.35 -6.09
C VAL B 81 -22.45 -5.74 -6.11
N ARG B 82 -22.07 -6.21 -7.29
CA ARG B 82 -21.40 -7.50 -7.40
C ARG B 82 -20.19 -7.38 -8.33
N THR B 83 -19.12 -8.06 -7.93
CA THR B 83 -17.86 -8.03 -8.65
C THR B 83 -17.56 -9.25 -9.54
N TYR B 84 -18.51 -10.15 -9.67
CA TYR B 84 -18.33 -11.31 -10.52
C TYR B 84 -19.50 -11.33 -11.51
N LEU B 85 -19.23 -11.79 -12.73
CA LEU B 85 -20.27 -11.88 -13.73
C LEU B 85 -21.20 -13.02 -13.34
N GLU B 86 -22.47 -12.95 -13.76
CA GLU B 86 -23.42 -14.01 -13.45
C GLU B 86 -22.91 -15.30 -14.05
N GLU B 87 -22.29 -15.20 -15.24
CA GLU B 87 -21.73 -16.37 -15.90
C GLU B 87 -20.72 -17.02 -14.96
N GLU B 88 -19.87 -16.17 -14.39
CA GLU B 88 -18.82 -16.61 -13.46
C GLU B 88 -19.45 -17.37 -12.29
N LEU B 89 -20.65 -16.95 -11.88
CA LEU B 89 -21.37 -17.59 -10.78
C LEU B 89 -21.90 -18.96 -11.21
N THR B 90 -22.57 -19.00 -12.36
CA THR B 90 -23.14 -20.25 -12.88
C THR B 90 -22.19 -21.42 -12.67
N LYS B 91 -20.90 -21.16 -12.87
CA LYS B 91 -19.90 -22.20 -12.70
C LYS B 91 -19.31 -22.13 -11.29
N ALA B 92 -19.70 -23.08 -10.45
CA ALA B 92 -19.24 -23.17 -9.07
C ALA B 92 -19.67 -24.53 -8.56
N ARG B 93 -19.67 -25.51 -9.47
CA ARG B 93 -20.04 -26.89 -9.19
C ARG B 93 -18.89 -27.81 -9.56
N GLU B 94 -18.65 -27.94 -10.87
CA GLU B 94 -17.55 -28.76 -11.37
C GLU B 94 -16.31 -27.94 -11.17
N ARG B 95 -16.55 -26.66 -11.39
CA ARG B 95 -15.50 -25.69 -11.35
C ARG B 95 -15.75 -24.54 -10.43
N PRO B 96 -14.55 -24.50 -10.01
CA PRO B 96 -13.45 -23.98 -9.18
C PRO B 96 -13.19 -24.78 -7.96
N LYS B 97 -11.93 -25.04 -7.76
CA LYS B 97 -11.60 -25.81 -6.63
C LYS B 97 -10.51 -25.23 -5.82
N LEU B 98 -9.95 -26.23 -5.17
CA LEU B 98 -8.83 -26.11 -4.36
C LEU B 98 -7.88 -25.16 -5.04
N ARG B 99 -7.68 -24.21 -4.17
CA ARG B 99 -6.91 -23.04 -4.05
C ARG B 99 -7.60 -22.46 -2.85
N LYS B 100 -7.12 -22.87 -1.69
CA LYS B 100 -7.69 -22.44 -0.42
C LYS B 100 -7.21 -21.03 -0.09
N ASP B 101 -6.23 -20.54 -0.83
CA ASP B 101 -5.70 -19.20 -0.59
C ASP B 101 -6.82 -18.18 -0.38
N TYR B 103 -9.82 -18.68 0.10
CA TYR B 103 -10.63 -19.15 1.21
C TYR B 103 -9.95 -18.85 2.56
N LYS B 104 -8.62 -18.96 2.59
CA LYS B 104 -7.87 -18.66 3.79
C LYS B 104 -7.82 -17.15 3.91
N LYS B 105 -8.21 -16.48 2.82
CA LYS B 105 -8.24 -15.02 2.81
C LYS B 105 -9.49 -14.61 3.57
N LEU B 107 -10.68 -16.36 6.45
CA LEU B 107 -10.42 -16.57 7.86
C LEU B 107 -9.47 -15.51 8.41
N ALA B 108 -8.44 -15.21 7.64
CA ALA B 108 -7.44 -14.21 8.02
C ALA B 108 -7.97 -12.78 7.95
N VAL B 109 -9.30 -12.53 8.05
CA VAL B 109 -9.87 -11.16 8.02
C VAL B 109 -10.94 -11.05 9.13
N ASP B 110 -11.27 -12.23 9.75
CA ASP B 110 -12.26 -12.44 10.90
C ASP B 110 -13.01 -13.80 10.80
N PRO B 111 -13.17 -14.61 11.90
CA PRO B 111 -13.87 -15.90 11.84
C PRO B 111 -15.37 -15.74 11.51
N GLU B 112 -15.65 -15.54 10.24
CA GLU B 112 -17.03 -15.41 9.77
C GLU B 112 -17.49 -16.79 9.31
N ALA B 113 -16.59 -17.49 8.62
CA ALA B 113 -16.89 -18.83 8.12
C ALA B 113 -17.22 -19.72 9.32
N PRO B 114 -18.27 -20.53 9.20
CA PRO B 114 -18.69 -21.44 10.28
C PRO B 114 -17.83 -22.71 10.36
N THR B 115 -18.06 -23.51 11.40
CA THR B 115 -17.34 -24.76 11.59
C THR B 115 -17.97 -25.82 10.71
N GLU B 116 -18.81 -25.37 9.77
CA GLU B 116 -19.49 -26.26 8.86
C GLU B 116 -18.94 -26.01 7.45
N GLU B 117 -17.76 -25.42 7.38
CA GLU B 117 -17.12 -25.12 6.10
C GLU B 117 -15.62 -24.90 6.25
N GLU B 118 -15.19 -24.56 7.46
CA GLU B 118 -13.78 -24.30 7.72
C GLU B 118 -12.93 -25.56 7.51
N HIS B 119 -13.57 -26.72 7.42
CA HIS B 119 -12.88 -27.98 7.22
C HIS B 119 -12.45 -28.13 5.76
N ALA B 120 -12.54 -27.04 5.00
CA ALA B 120 -12.17 -27.05 3.59
C ALA B 120 -10.66 -26.90 3.42
N PRO B 127 -16.98 -16.17 -7.05
CA PRO B 127 -18.33 -15.97 -6.54
C PRO B 127 -18.48 -16.01 -5.01
N ARG B 128 -18.40 -17.19 -4.41
CA ARG B 128 -18.54 -17.30 -2.96
C ARG B 128 -17.61 -16.32 -2.25
N TYR B 129 -16.31 -16.52 -2.42
CA TYR B 129 -15.33 -15.65 -1.80
C TYR B 129 -15.41 -14.25 -2.41
N GLN B 131 -17.80 -12.77 -3.38
CA GLN B 131 -18.99 -12.09 -2.92
C GLN B 131 -18.99 -11.89 -1.41
N TRP B 132 -18.16 -12.67 -0.72
CA TRP B 132 -18.06 -12.54 0.73
C TRP B 132 -17.37 -11.20 0.96
N ARG B 133 -16.42 -10.88 0.09
CA ARG B 133 -15.69 -9.63 0.18
C ARG B 133 -16.57 -8.46 -0.25
N GLU B 134 -17.79 -8.79 -0.68
CA GLU B 134 -18.74 -7.78 -1.10
C GLU B 134 -19.55 -7.29 0.09
N GLY B 135 -19.79 -8.19 1.05
CA GLY B 135 -20.54 -7.85 2.23
C GLY B 135 -19.71 -7.21 3.34
N ILE B 136 -18.43 -7.55 3.42
CA ILE B 136 -17.55 -6.98 4.44
C ILE B 136 -17.13 -5.60 3.99
N SER B 137 -17.16 -5.41 2.68
CA SER B 137 -16.82 -4.13 2.09
C SER B 137 -18.13 -3.39 1.89
N SER B 138 -17.91 -2.37 1.17
CA SER B 138 -19.11 -1.72 0.97
C SER B 138 -19.74 -2.15 -0.33
N SER B 139 -19.20 -3.13 -1.13
CA SER B 139 -19.73 -3.55 -2.48
C SER B 139 -21.26 -3.96 -2.49
N THR B 140 -21.84 -4.53 -1.37
CA THR B 140 -23.22 -4.97 -1.27
C THR B 140 -24.21 -3.90 -0.84
N THR B 141 -23.85 -3.10 0.17
CA THR B 141 -24.74 -2.05 0.67
C THR B 141 -24.82 -0.75 -0.10
N LEU B 142 -23.76 -0.33 -0.64
CA LEU B 142 -23.75 0.84 -1.44
C LEU B 142 -23.21 0.16 -2.71
N GLY B 143 -23.28 0.77 -3.92
CA GLY B 143 -22.85 0.06 -5.16
C GLY B 143 -21.36 0.22 -5.54
N PHE B 144 -20.52 0.46 -4.52
CA PHE B 144 -19.07 0.69 -4.77
C PHE B 144 -18.15 0.25 -3.64
N ARG B 145 -16.85 0.23 -3.95
CA ARG B 145 -15.81 -0.16 -3.00
C ARG B 145 -14.47 0.44 -3.41
N ILE B 146 -13.84 1.20 -2.53
CA ILE B 146 -12.55 1.76 -2.89
C ILE B 146 -11.53 0.63 -2.85
N GLU B 147 -10.76 0.51 -3.93
CA GLU B 147 -9.75 -0.54 -4.08
C GLU B 147 -8.36 -0.12 -3.60
N GLY B 148 -7.87 1.01 -4.11
CA GLY B 148 -6.56 1.46 -3.70
C GLY B 148 -6.38 2.95 -3.85
N ILE B 149 -5.36 3.47 -3.16
CA ILE B 149 -5.08 4.89 -3.21
C ILE B 149 -3.57 5.11 -3.29
N LYS B 150 -3.18 6.13 -4.05
CA LYS B 150 -1.77 6.49 -4.17
C LYS B 150 -1.72 7.97 -3.81
N LYS B 151 -0.93 8.29 -2.78
CA LYS B 151 -0.80 9.67 -2.31
C LYS B 151 0.30 10.43 -3.02
N ALA B 152 0.47 11.70 -2.63
CA ALA B 152 1.50 12.56 -3.21
C ALA B 152 2.84 11.85 -2.98
N ASP B 153 3.19 11.02 -3.95
CA ASP B 153 4.42 10.23 -3.91
C ASP B 153 4.62 9.58 -2.53
N GLY B 154 3.51 9.40 -1.81
CA GLY B 154 3.57 8.77 -0.51
C GLY B 154 3.27 7.29 -0.70
N SER B 155 3.77 6.74 -1.81
CA SER B 155 3.55 5.35 -2.14
C SER B 155 2.04 5.05 -2.17
N CYS B 156 1.58 4.00 -1.50
CA CYS B 156 0.15 3.70 -1.55
C CYS B 156 -0.44 2.70 -0.55
N SER B 157 -1.77 2.56 -0.61
CA SER B 157 -2.49 1.65 0.25
C SER B 157 -3.59 0.90 -0.50
N THR B 158 -3.81 -0.34 -0.08
CA THR B 158 -4.83 -1.20 -0.67
C THR B 158 -5.50 -1.84 0.53
N ASP B 159 -5.29 -1.20 1.68
CA ASP B 159 -5.86 -1.69 2.91
C ASP B 159 -7.28 -1.17 3.10
N PHE B 160 -8.20 -1.68 2.29
CA PHE B 160 -9.60 -1.24 2.38
C PHE B 160 -10.62 -2.38 2.25
N LYS B 161 -10.22 -3.58 2.66
CA LYS B 161 -11.11 -4.73 2.57
C LYS B 161 -12.29 -4.65 3.57
N THR B 162 -12.11 -3.92 4.65
CA THR B 162 -13.17 -3.79 5.66
C THR B 162 -13.92 -2.48 5.64
N THR B 163 -13.53 -1.57 4.75
CA THR B 163 -14.17 -0.27 4.63
C THR B 163 -15.54 -0.53 4.00
N ARG B 164 -16.60 -0.42 4.80
CA ARG B 164 -17.94 -0.68 4.28
C ARG B 164 -19.02 0.32 4.69
N SER B 165 -18.79 1.02 5.80
CA SER B 165 -19.74 2.00 6.27
C SER B 165 -19.67 3.31 5.47
N ARG B 166 -20.73 4.11 5.54
CA ARG B 166 -20.74 5.38 4.82
C ARG B 166 -19.72 6.30 5.50
N GLU B 167 -19.63 6.21 6.83
CA GLU B 167 -18.69 7.01 7.60
C GLU B 167 -17.26 6.65 7.23
N GLN B 168 -16.99 5.35 7.13
CA GLN B 168 -15.66 4.88 6.78
C GLN B 168 -15.24 5.38 5.40
N VAL B 169 -16.12 5.18 4.42
CA VAL B 169 -15.84 5.62 3.07
C VAL B 169 -15.61 7.14 3.08
N THR B 170 -16.40 7.85 3.88
CA THR B 170 -16.30 9.30 3.98
C THR B 170 -14.96 9.81 4.49
N ARG B 171 -14.39 9.14 5.48
CA ARG B 171 -13.11 9.57 6.03
C ARG B 171 -11.99 9.24 5.06
N VAL B 172 -12.10 8.13 4.34
CA VAL B 172 -11.08 7.79 3.37
C VAL B 172 -11.05 8.87 2.29
N PHE B 173 -12.22 9.26 1.77
CA PHE B 173 -12.24 10.31 0.75
C PHE B 173 -11.68 11.61 1.31
N GLU B 174 -12.12 11.95 2.52
CA GLU B 174 -11.69 13.15 3.21
C GLU B 174 -10.17 13.20 3.47
N GLU B 175 -9.58 12.03 3.71
CA GLU B 175 -8.15 11.93 3.97
C GLU B 175 -7.40 11.73 2.65
N PHE B 176 -8.15 11.92 1.58
CA PHE B 176 -7.67 11.80 0.19
C PHE B 176 -7.72 13.16 -0.51
N GLN B 178 -7.55 16.23 0.91
CA GLN B 178 -6.52 17.12 1.52
C GLN B 178 -7.19 18.39 2.01
N GLY B 179 -8.47 18.29 2.16
CA GLY B 179 -9.14 19.56 2.40
C GLY B 179 -9.13 20.49 1.20
N ASP B 180 -8.73 19.97 0.05
CA ASP B 180 -8.66 20.75 -1.19
C ASP B 180 -10.05 20.84 -1.81
N ALA B 181 -10.80 21.86 -1.44
CA ALA B 181 -12.14 22.06 -1.97
C ALA B 181 -12.16 22.08 -3.49
N GLU B 182 -11.27 22.85 -4.10
CA GLU B 182 -11.22 22.94 -5.56
C GLU B 182 -11.35 21.56 -6.19
N VAL B 183 -10.50 20.64 -5.76
CA VAL B 183 -10.49 19.27 -6.27
C VAL B 183 -11.80 18.52 -6.02
N LEU B 184 -12.44 18.77 -4.89
CA LEU B 184 -13.68 18.06 -4.58
C LEU B 184 -14.81 18.50 -5.50
N LYS B 185 -15.03 19.81 -5.63
CA LYS B 185 -16.09 20.30 -6.50
C LYS B 185 -15.84 19.82 -7.92
N ARG B 186 -14.59 19.80 -8.37
CA ARG B 186 -14.33 19.34 -9.71
C ARG B 186 -14.75 17.87 -9.80
N TYR B 187 -14.27 17.06 -8.86
CA TYR B 187 -14.65 15.66 -8.82
C TYR B 187 -16.19 15.55 -8.86
N LEU B 188 -16.86 16.32 -8.03
CA LEU B 188 -18.32 16.30 -7.97
C LEU B 188 -18.99 16.63 -9.29
N ASN B 189 -18.52 17.70 -9.95
CA ASN B 189 -19.10 18.11 -11.23
C ASN B 189 -18.89 17.04 -12.29
N ARG B 190 -17.73 16.38 -12.26
CA ARG B 190 -17.45 15.35 -13.27
C ARG B 190 -18.32 14.12 -13.06
N LEU B 191 -18.58 13.77 -11.80
CA LEU B 191 -19.40 12.60 -11.49
C LEU B 191 -20.85 12.84 -11.92
N GLN B 192 -21.34 14.05 -11.72
CA GLN B 192 -22.71 14.39 -12.10
C GLN B 192 -22.84 14.26 -13.62
N GLN B 193 -21.82 14.77 -14.32
CA GLN B 193 -21.80 14.74 -15.78
C GLN B 193 -21.63 13.32 -16.28
N ILE B 194 -20.80 12.54 -15.59
CA ILE B 194 -20.61 11.14 -15.98
C ILE B 194 -21.94 10.42 -15.79
N ARG B 195 -22.58 10.64 -14.65
CA ARG B 195 -23.89 10.03 -14.37
C ARG B 195 -24.88 10.28 -15.50
N ASP B 196 -24.93 11.52 -15.96
CA ASP B 196 -25.85 11.90 -17.04
C ASP B 196 -25.52 11.16 -18.33
N THR B 197 -24.24 11.04 -18.65
CA THR B 197 -23.79 10.37 -19.86
C THR B 197 -24.12 8.88 -19.79
N LEU B 198 -23.89 8.29 -18.62
CA LEU B 198 -24.18 6.89 -18.44
C LEU B 198 -25.67 6.66 -18.71
N GLU B 199 -26.53 7.48 -18.09
CA GLU B 199 -27.96 7.33 -18.26
C GLU B 199 -28.50 7.42 -19.70
N ILE B 200 -27.81 8.10 -20.61
CA ILE B 200 -28.31 8.15 -21.99
C ILE B 200 -27.44 7.35 -22.97
N SER B 201 -26.32 6.78 -22.50
CA SER B 201 -25.36 6.09 -23.35
C SER B 201 -25.91 5.15 -24.49
N ASP B 202 -26.46 4.02 -24.12
CA ASP B 202 -26.92 2.87 -24.91
C ASP B 202 -25.77 2.25 -25.75
N PHE B 203 -24.87 1.92 -24.83
CA PHE B 203 -23.61 1.10 -24.76
C PHE B 203 -23.82 0.62 -23.31
N PHE B 204 -23.90 1.58 -22.39
CA PHE B 204 -24.06 1.29 -20.97
C PHE B 204 -25.34 0.52 -20.72
N ARG B 205 -26.42 1.04 -21.29
CA ARG B 205 -27.75 0.46 -21.19
C ARG B 205 -27.79 -1.00 -21.67
N ARG B 206 -26.99 -1.31 -22.69
CA ARG B 206 -26.93 -2.64 -23.28
C ARG B 206 -25.85 -3.57 -22.75
N HIS B 207 -25.19 -3.21 -21.66
CA HIS B 207 -24.14 -4.07 -21.13
C HIS B 207 -24.22 -4.32 -19.63
N GLU B 208 -23.59 -5.42 -19.21
CA GLU B 208 -23.46 -5.79 -17.79
C GLU B 208 -22.06 -5.28 -17.45
N VAL B 209 -21.97 -4.28 -16.57
CA VAL B 209 -20.69 -3.66 -16.23
C VAL B 209 -20.16 -4.09 -14.87
N ILE B 210 -19.25 -5.08 -14.88
CA ILE B 210 -18.70 -5.63 -13.64
C ILE B 210 -17.18 -5.60 -13.66
N GLY B 211 -16.57 -5.25 -12.55
CA GLY B 211 -15.12 -5.22 -12.51
C GLY B 211 -14.50 -3.90 -12.98
N SER B 212 -15.32 -2.99 -13.50
CA SER B 212 -14.82 -1.70 -13.95
C SER B 212 -14.69 -0.80 -12.74
N SER B 213 -13.97 0.30 -12.89
CA SER B 213 -13.83 1.20 -11.78
C SER B 213 -13.80 2.64 -12.27
N LEU B 214 -13.99 3.58 -11.34
CA LEU B 214 -13.92 4.98 -11.64
C LEU B 214 -12.59 5.37 -11.05
N LEU B 215 -11.70 5.92 -11.88
CA LEU B 215 -10.37 6.32 -11.44
C LEU B 215 -10.33 7.81 -11.15
N PHE B 216 -10.21 8.16 -9.86
CA PHE B 216 -10.13 9.55 -9.44
C PHE B 216 -8.65 9.94 -9.46
N VAL B 217 -8.33 11.07 -10.09
CA VAL B 217 -6.94 11.54 -10.19
C VAL B 217 -6.84 13.05 -9.95
N HIS B 218 -6.06 13.47 -8.96
CA HIS B 218 -5.90 14.90 -8.73
C HIS B 218 -4.44 15.38 -8.62
N ASP B 219 -4.28 16.70 -8.61
CA ASP B 219 -2.99 17.39 -8.62
C ASP B 219 -2.72 18.17 -7.33
N HIS B 220 -1.44 18.37 -7.02
CA HIS B 220 -1.06 19.23 -5.91
C HIS B 220 -1.37 20.61 -6.39
N CYS B 221 -1.30 20.69 -7.72
CA CYS B 221 -1.58 21.94 -8.41
C CYS B 221 -3.09 22.37 -8.12
N HIS B 222 -4.10 21.53 -8.46
CA HIS B 222 -5.57 21.75 -8.29
C HIS B 222 -6.32 20.77 -9.22
N ARG B 223 -5.54 20.39 -10.33
CA ARG B 223 -6.03 19.61 -11.47
C ARG B 223 -6.79 18.39 -10.97
N ALA B 224 -7.93 18.09 -11.60
CA ALA B 224 -8.73 16.94 -11.20
C ALA B 224 -9.48 16.30 -12.36
N GLY B 225 -9.63 14.98 -12.29
CA GLY B 225 -10.34 14.27 -13.33
C GLY B 225 -10.85 12.91 -12.85
N VAL B 226 -11.84 12.38 -13.55
CA VAL B 226 -12.38 11.07 -13.23
C VAL B 226 -12.70 10.38 -14.54
N TRP B 227 -12.34 9.11 -14.63
CA TRP B 227 -12.57 8.29 -15.81
C TRP B 227 -13.03 6.89 -15.41
N LEU B 228 -13.74 6.23 -16.33
CA LEU B 228 -14.15 4.86 -16.11
C LEU B 228 -13.02 4.06 -16.76
N ILE B 229 -12.62 2.97 -16.11
CA ILE B 229 -11.56 2.13 -16.66
C ILE B 229 -11.81 0.66 -16.33
N ASP B 230 -11.07 -0.20 -17.01
CA ASP B 230 -11.14 -1.63 -16.79
C ASP B 230 -12.42 -2.21 -17.18
N PHE B 231 -12.51 -2.37 -18.47
CA PHE B 231 -13.63 -3.00 -19.02
C PHE B 231 -13.34 -4.51 -19.32
N GLY B 232 -12.49 -5.14 -18.53
CA GLY B 232 -12.24 -6.57 -18.77
C GLY B 232 -13.54 -7.31 -18.77
N LYS B 233 -14.33 -7.34 -17.79
CA LYS B 233 -15.48 -8.15 -18.13
C LYS B 233 -16.77 -7.33 -18.08
N THR B 234 -17.04 -6.60 -19.14
CA THR B 234 -18.18 -5.79 -19.35
C THR B 234 -18.78 -6.44 -20.57
N THR B 235 -19.94 -7.13 -20.48
CA THR B 235 -20.35 -7.93 -21.63
C THR B 235 -21.72 -7.51 -22.14
N PRO B 236 -21.97 -7.70 -23.45
CA PRO B 236 -23.22 -7.35 -24.12
C PRO B 236 -24.40 -8.22 -23.66
N LEU B 237 -25.50 -7.55 -23.49
CA LEU B 237 -26.69 -8.26 -23.10
C LEU B 237 -27.28 -8.80 -24.44
N PRO B 238 -28.05 -9.94 -24.46
CA PRO B 238 -28.65 -10.55 -25.68
C PRO B 238 -29.49 -9.62 -26.55
N ASN B 239 -29.96 -10.12 -27.69
CA ASN B 239 -30.75 -9.35 -28.65
C ASN B 239 -31.85 -8.45 -28.09
N GLY B 240 -31.50 -7.19 -27.84
CA GLY B 240 -32.48 -6.23 -27.35
C GLY B 240 -32.82 -6.27 -25.87
N GLN B 241 -31.85 -6.59 -25.02
CA GLN B 241 -32.10 -6.60 -23.59
C GLN B 241 -31.38 -5.41 -23.01
N ILE B 242 -31.90 -4.91 -21.90
CA ILE B 242 -31.33 -3.73 -21.25
C ILE B 242 -31.34 -3.88 -19.72
N LEU B 243 -30.50 -3.10 -19.05
CA LEU B 243 -30.45 -3.12 -17.59
C LEU B 243 -30.70 -1.67 -17.19
N ASP B 244 -31.21 -1.45 -15.99
CA ASP B 244 -31.43 -0.08 -15.56
C ASP B 244 -30.33 0.30 -14.58
N HIS B 245 -29.47 -0.67 -14.28
CA HIS B 245 -28.33 -0.48 -13.40
C HIS B 245 -28.60 0.04 -11.99
N ARG B 246 -29.86 0.10 -11.59
CA ARG B 246 -30.15 0.53 -10.22
C ARG B 246 -30.90 -0.52 -9.39
N ARG B 247 -31.83 -1.25 -10.02
CA ARG B 247 -32.61 -2.24 -9.28
C ARG B 247 -31.75 -3.37 -8.65
N PRO B 248 -32.26 -3.99 -7.58
CA PRO B 248 -31.48 -5.06 -6.94
C PRO B 248 -31.09 -6.19 -7.89
N TRP B 249 -29.87 -6.72 -7.70
CA TRP B 249 -29.46 -7.86 -8.54
C TRP B 249 -30.26 -9.10 -8.07
N GLU B 250 -31.03 -9.85 -8.93
CA GLU B 250 -31.81 -11.09 -8.59
C GLU B 250 -31.49 -12.36 -9.47
N GLU B 251 -30.37 -13.12 -9.18
CA GLU B 251 -29.85 -14.39 -9.89
C GLU B 251 -30.61 -14.70 -11.22
N GLY B 252 -30.20 -14.03 -12.34
CA GLY B 252 -30.78 -14.19 -13.67
C GLY B 252 -31.12 -12.90 -14.43
N ASN B 253 -31.23 -11.79 -13.69
CA ASN B 253 -31.57 -10.49 -14.30
C ASN B 253 -30.33 -9.69 -14.68
N ARG B 254 -29.16 -10.19 -14.29
CA ARG B 254 -27.89 -9.56 -14.63
C ARG B 254 -27.69 -8.09 -14.21
N GLU B 255 -28.54 -7.55 -13.35
CA GLU B 255 -28.40 -6.18 -12.88
C GLU B 255 -27.11 -6.09 -12.07
N ASP B 256 -26.39 -4.98 -12.23
CA ASP B 256 -25.11 -4.79 -11.55
C ASP B 256 -25.05 -3.72 -10.50
N GLY B 257 -26.14 -2.97 -10.34
CA GLY B 257 -26.18 -1.90 -9.37
C GLY B 257 -25.17 -0.78 -9.61
N TYR B 258 -24.58 -0.73 -10.79
CA TYR B 258 -23.59 0.31 -11.12
C TYR B 258 -24.04 1.72 -10.80
N LEU B 259 -25.24 2.08 -11.25
CA LEU B 259 -25.76 3.43 -11.01
C LEU B 259 -26.13 3.67 -9.55
N LEU B 260 -26.51 2.63 -8.84
CA LEU B 260 -26.83 2.76 -7.42
C LEU B 260 -25.52 3.20 -6.74
N GLY B 261 -24.42 2.59 -7.18
CA GLY B 261 -23.12 2.92 -6.62
C GLY B 261 -22.70 4.35 -6.92
N LEU B 262 -22.89 4.78 -8.17
CA LEU B 262 -22.52 6.13 -8.54
C LEU B 262 -23.38 7.12 -7.76
N ASP B 263 -24.69 6.86 -7.67
CA ASP B 263 -25.59 7.74 -6.94
C ASP B 263 -25.04 7.92 -5.52
N ASN B 264 -24.66 6.81 -4.87
CA ASN B 264 -24.13 6.84 -3.51
C ASN B 264 -22.81 7.58 -3.40
N LEU B 265 -21.94 7.35 -4.36
CA LEU B 265 -20.62 7.99 -4.40
C LEU B 265 -20.85 9.50 -4.47
N ILE B 266 -21.84 9.93 -5.26
CA ILE B 266 -22.12 11.36 -5.35
C ILE B 266 -22.77 11.85 -4.07
N GLY B 267 -23.60 11.02 -3.43
CA GLY B 267 -24.21 11.43 -2.19
C GLY B 267 -23.15 11.70 -1.13
N ILE B 268 -22.10 10.89 -1.13
CA ILE B 268 -21.01 11.01 -0.16
C ILE B 268 -20.10 12.21 -0.40
N LEU B 269 -19.76 12.49 -1.65
CA LEU B 269 -18.91 13.64 -1.95
C LEU B 269 -19.72 14.92 -1.77
N ALA B 270 -21.01 14.87 -2.12
CA ALA B 270 -21.86 16.05 -1.95
C ALA B 270 -21.99 16.37 -0.47
N ASN B 271 -22.12 15.32 0.36
CA ASN B 271 -22.24 15.50 1.81
C ASN B 271 -20.99 16.16 2.38
N LEU B 272 -19.88 15.64 1.91
CA LEU B 272 -18.65 16.33 2.28
C LEU B 272 -18.79 17.81 1.84
N ALA B 273 -19.60 18.12 0.78
CA ALA B 273 -19.87 19.46 0.27
C ALA B 273 -18.56 20.11 -0.15
#